data_4JRB
#
_entry.id   4JRB
#
_cell.length_a   91.768
_cell.length_b   141.920
_cell.length_c   93.465
_cell.angle_alpha   90.00
_cell.angle_beta   90.00
_cell.angle_gamma   90.00
#
_symmetry.space_group_name_H-M   'C 2 2 21'
#
loop_
_entity.id
_entity.type
_entity.pdbx_description
1 polymer 'Green fluorescent protein'
2 non-polymer 'CHLORIDE ION'
3 non-polymer '(1S)-2-{[{[(2R)-2,3-DIHYDROXYPROPYL]OXY}(HYDROXY)PHOSPHORYL]OXY}-1-[(PALMITOYLOXY)METHYL]ETHYL STEARATE'
4 non-polymer DODECANE
5 water water
#
_entity_poly.entity_id   1
_entity_poly.type   'polypeptide(L)'
_entity_poly.pdbx_seq_one_letter_code
;GSHMSKGEELFTGVVPILVELDGDVNGHKFSVSGEGEGDATYGKLTLKFICTTGKLPVPWPTLVTTF(CR2)VQCFARYP
DHMKQHDFFKSAMPEGYVQERTIFFKDDGNYKTRAEVKFEGDTLVNRIELKGIDFKEDGNILGHKLEYNYNSHNVYIMAD
KQKNGIKVNFKIRHNIEDGSVQLADHYQQNTPIGDGPVLLPDNHYLSTQSALSKDPNEKRDHMVLLEFVTAAGIAAARNL
QDDLQDFLALIPVDQIIAIATDYLANDAEVQAAVAYLQSDEFETIVVALDALPELQNFLNFLEANGLNAIDFLNGIHDLL
GIPHIPVSGRKYHIRRGVGITGLIDDVLAILPIEDLKALFNEKLETSPDFLALYNAIRSPEFQSIVQTLNAMPEYQNLLQ
KLREKGVDVDKIIELIRALF
;
_entity_poly.pdbx_strand_id   A
#
loop_
_chem_comp.id
_chem_comp.type
_chem_comp.name
_chem_comp.formula
CL non-polymer 'CHLORIDE ION' 'Cl -1'
D12 non-polymer DODECANE 'C12 H26'
PGT non-polymer '(1S)-2-{[{[(2R)-2,3-DIHYDROXYPROPYL]OXY}(HYDROXY)PHOSPHORYL]OXY}-1-[(PALMITOYLOXY)METHYL]ETHYL STEARATE' 'C40 H79 O10 P'
#
# COMPACT_ATOMS: atom_id res chain seq x y z
N HIS A 3 15.75 7.00 -0.89
CA HIS A 3 15.44 7.63 -2.18
C HIS A 3 16.12 6.95 -3.36
N MET A 4 15.32 6.47 -4.31
CA MET A 4 15.85 5.74 -5.44
C MET A 4 16.19 6.62 -6.66
N SER A 5 15.80 7.90 -6.60
CA SER A 5 16.16 8.86 -7.64
C SER A 5 16.14 10.29 -7.10
N LYS A 6 16.75 11.21 -7.84
CA LYS A 6 16.76 12.60 -7.43
C LYS A 6 15.43 13.27 -7.74
N GLY A 7 14.82 12.90 -8.86
CA GLY A 7 13.54 13.44 -9.26
C GLY A 7 12.45 13.14 -8.25
N GLU A 8 12.54 11.99 -7.60
CA GLU A 8 11.53 11.54 -6.64
C GLU A 8 11.27 12.54 -5.50
N GLU A 9 12.29 13.30 -5.13
CA GLU A 9 12.21 14.21 -3.99
C GLU A 9 11.34 15.45 -4.25
N LEU A 10 11.02 15.68 -5.52
CA LEU A 10 10.17 16.78 -5.93
C LEU A 10 8.69 16.54 -5.59
N PHE A 11 8.32 15.27 -5.46
CA PHE A 11 6.93 14.87 -5.25
C PHE A 11 6.49 14.59 -3.80
N THR A 12 7.36 14.85 -2.84
CA THR A 12 7.03 14.60 -1.44
C THR A 12 5.80 15.37 -0.98
N GLY A 13 5.69 16.62 -1.43
CA GLY A 13 4.57 17.45 -1.05
C GLY A 13 3.58 17.65 -2.18
N VAL A 14 2.57 18.48 -1.95
CA VAL A 14 1.61 18.84 -2.97
C VAL A 14 2.28 19.68 -4.05
N VAL A 15 1.95 19.42 -5.30
CA VAL A 15 2.59 20.14 -6.39
C VAL A 15 1.57 20.80 -7.32
N PRO A 16 1.85 22.06 -7.71
CA PRO A 16 1.03 22.80 -8.66
C PRO A 16 1.14 22.12 -10.01
N ILE A 17 0.04 22.05 -10.73
CA ILE A 17 0.00 21.43 -12.04
C ILE A 17 -0.62 22.36 -13.07
N LEU A 18 -0.08 22.33 -14.29
CA LEU A 18 -0.65 23.09 -15.38
C LEU A 18 -0.76 22.22 -16.62
N VAL A 19 -1.89 22.31 -17.29
CA VAL A 19 -2.12 21.55 -18.52
C VAL A 19 -2.55 22.48 -19.64
N GLU A 20 -1.93 22.30 -20.80
CA GLU A 20 -2.34 23.01 -22.00
C GLU A 20 -2.47 22.02 -23.12
N LEU A 21 -3.59 22.09 -23.83
CA LEU A 21 -3.76 21.20 -24.98
C LEU A 21 -4.19 21.97 -26.21
N ASP A 22 -3.59 21.62 -27.34
CA ASP A 22 -4.07 22.08 -28.63
C ASP A 22 -4.50 20.85 -29.38
N GLY A 23 -5.65 20.91 -30.00
CA GLY A 23 -6.11 19.73 -30.71
C GLY A 23 -6.92 20.02 -31.95
N ASP A 24 -6.94 19.02 -32.82
CA ASP A 24 -7.70 19.07 -34.04
C ASP A 24 -8.27 17.68 -34.20
N VAL A 25 -9.59 17.57 -34.29
CA VAL A 25 -10.24 16.29 -34.48
C VAL A 25 -11.22 16.40 -35.63
N ASN A 26 -11.03 15.59 -36.66
CA ASN A 26 -11.79 15.74 -37.90
C ASN A 26 -11.82 17.20 -38.35
N GLY A 27 -10.74 17.92 -38.07
CA GLY A 27 -10.62 19.30 -38.48
C GLY A 27 -11.24 20.29 -37.52
N HIS A 28 -11.97 19.81 -36.52
CA HIS A 28 -12.48 20.72 -35.50
C HIS A 28 -11.31 21.06 -34.58
N LYS A 29 -10.98 22.34 -34.49
CA LYS A 29 -9.79 22.75 -33.76
C LYS A 29 -10.17 23.33 -32.40
N PHE A 30 -9.38 23.01 -31.38
CA PHE A 30 -9.70 23.47 -30.03
C PHE A 30 -8.51 23.55 -29.10
N SER A 31 -8.66 24.37 -28.07
CA SER A 31 -7.66 24.46 -27.02
C SER A 31 -8.29 24.28 -25.65
N VAL A 32 -7.55 23.62 -24.76
CA VAL A 32 -7.95 23.47 -23.37
C VAL A 32 -6.83 23.84 -22.44
N SER A 33 -7.16 24.53 -21.37
CA SER A 33 -6.19 24.70 -20.31
C SER A 33 -6.75 24.19 -18.99
N GLY A 34 -5.86 23.70 -18.14
CA GLY A 34 -6.30 23.14 -16.88
C GLY A 34 -5.26 23.42 -15.83
N GLU A 35 -5.69 23.37 -14.57
CA GLU A 35 -4.76 23.51 -13.46
C GLU A 35 -5.24 22.74 -12.25
N GLY A 36 -4.34 22.48 -11.32
CA GLY A 36 -4.67 21.72 -10.13
C GLY A 36 -3.43 21.38 -9.35
N GLU A 37 -3.51 20.29 -8.58
CA GLU A 37 -2.45 19.87 -7.68
C GLU A 37 -2.34 18.34 -7.68
N GLY A 38 -1.12 17.83 -7.80
CA GLY A 38 -0.85 16.43 -7.46
C GLY A 38 -0.25 16.22 -6.08
N ASP A 39 -0.58 15.11 -5.45
CA ASP A 39 0.11 14.68 -4.24
C ASP A 39 0.45 13.20 -4.41
N ALA A 40 1.73 12.91 -4.65
CA ALA A 40 2.15 11.55 -5.01
C ALA A 40 2.24 10.65 -3.79
N THR A 41 2.32 11.25 -2.61
CA THR A 41 2.34 10.45 -1.39
C THR A 41 1.05 9.63 -1.31
N TYR A 42 -0.07 10.30 -1.56
CA TYR A 42 -1.39 9.66 -1.56
C TYR A 42 -1.83 9.17 -2.95
N GLY A 43 -1.08 9.49 -3.99
CA GLY A 43 -1.46 9.10 -5.34
C GLY A 43 -2.73 9.78 -5.82
N LYS A 44 -2.95 11.01 -5.37
CA LYS A 44 -4.14 11.76 -5.74
C LYS A 44 -3.76 12.93 -6.62
N LEU A 45 -4.63 13.27 -7.56
CA LEU A 45 -4.51 14.55 -8.22
C LEU A 45 -5.87 15.13 -8.51
N THR A 46 -5.91 16.46 -8.62
CA THR A 46 -7.13 17.18 -8.86
C THR A 46 -6.91 18.23 -9.93
N LEU A 47 -7.70 18.15 -11.00
CA LEU A 47 -7.52 19.04 -12.14
C LEU A 47 -8.85 19.59 -12.60
N LYS A 48 -8.85 20.86 -12.99
CA LYS A 48 -10.01 21.50 -13.61
C LYS A 48 -9.65 22.02 -15.00
N PHE A 49 -10.51 21.73 -15.97
CA PHE A 49 -10.26 22.10 -17.37
C PHE A 49 -11.34 23.01 -17.96
N ILE A 50 -10.91 23.90 -18.84
CA ILE A 50 -11.83 24.78 -19.57
C ILE A 50 -11.41 24.77 -21.03
N CYS A 51 -12.40 24.86 -21.91
CA CYS A 51 -12.13 25.02 -23.33
C CYS A 51 -12.09 26.51 -23.64
N THR A 52 -10.93 26.98 -24.08
CA THR A 52 -10.70 28.43 -24.23
C THR A 52 -11.15 28.95 -25.60
N THR A 53 -11.45 28.02 -26.50
CA THR A 53 -11.84 28.33 -27.88
C THR A 53 -13.35 28.35 -28.13
N GLY A 54 -14.16 28.27 -27.09
CA GLY A 54 -15.57 27.95 -27.27
C GLY A 54 -15.90 26.50 -26.97
N LYS A 55 -16.82 25.93 -27.72
CA LYS A 55 -17.33 24.58 -27.50
C LYS A 55 -16.30 23.45 -27.74
N LEU A 56 -16.16 22.56 -26.77
CA LEU A 56 -15.39 21.33 -26.95
C LEU A 56 -16.11 20.39 -27.93
N PRO A 57 -15.46 20.10 -29.06
CA PRO A 57 -16.02 19.29 -30.15
C PRO A 57 -16.11 17.80 -29.84
N VAL A 58 -15.40 17.34 -28.82
CA VAL A 58 -15.45 15.94 -28.38
C VAL A 58 -15.77 15.88 -26.89
N PRO A 59 -16.25 14.71 -26.41
CA PRO A 59 -16.61 14.55 -25.00
C PRO A 59 -15.42 14.64 -24.04
N TRP A 60 -15.62 15.36 -22.95
CA TRP A 60 -14.61 15.42 -21.89
C TRP A 60 -13.98 14.07 -21.56
N PRO A 61 -14.79 13.02 -21.31
CA PRO A 61 -14.18 11.74 -20.89
C PRO A 61 -13.12 11.19 -21.86
N THR A 62 -13.21 11.49 -23.15
CA THR A 62 -12.23 10.96 -24.10
C THR A 62 -10.86 11.59 -23.88
N LEU A 63 -10.81 12.71 -23.17
CA LEU A 63 -9.56 13.44 -23.00
C LEU A 63 -8.82 13.14 -21.70
N VAL A 64 -9.51 12.45 -20.81
CA VAL A 64 -8.99 12.23 -19.46
C VAL A 64 -7.57 11.66 -19.47
N THR A 65 -7.35 10.59 -20.22
CA THR A 65 -6.03 9.98 -20.24
C THR A 65 -5.00 10.94 -20.85
N THR A 66 -5.46 11.81 -21.75
CA THR A 66 -4.56 12.73 -22.40
C THR A 66 -4.13 13.82 -21.43
N PHE A 67 -5.10 14.37 -20.71
CA PHE A 67 -4.86 15.37 -19.69
C PHE A 67 -4.09 14.82 -18.51
N1 CR2 A 68 -4.64 13.78 -17.91
CA1 CR2 A 68 -4.05 13.16 -16.76
C1 CR2 A 68 -3.52 11.84 -17.11
N2 CR2 A 68 -4.15 10.41 -16.80
N3 CR2 A 68 -2.25 11.55 -17.94
C2 CR2 A 68 -2.22 10.24 -18.01
O2 CR2 A 68 -1.33 9.63 -18.60
CA2 CR2 A 68 -3.20 9.63 -17.43
CA3 CR2 A 68 -1.25 12.36 -18.54
C3 CR2 A 68 -0.17 12.87 -17.68
O3 CR2 A 68 0.86 13.40 -18.16
CB2 CR2 A 68 -3.32 8.27 -17.41
CG2 CR2 A 68 -4.58 7.53 -17.07
CD1 CR2 A 68 -4.65 6.18 -17.38
CD2 CR2 A 68 -5.68 8.12 -16.46
CE1 CR2 A 68 -5.78 5.44 -17.08
CE2 CR2 A 68 -6.82 7.38 -16.17
CZ CR2 A 68 -6.87 6.03 -16.48
OH CR2 A 68 -8.01 5.26 -16.22
N VAL A 69 -0.36 12.75 -16.37
CA VAL A 69 0.72 13.12 -15.45
C VAL A 69 0.98 11.96 -14.50
N GLN A 70 1.44 10.86 -15.06
CA GLN A 70 1.58 9.64 -14.30
C GLN A 70 2.70 9.72 -13.27
N CYS A 71 3.48 10.79 -13.30
CA CYS A 71 4.53 10.97 -12.28
C CYS A 71 3.91 11.15 -10.90
N PHE A 72 2.59 11.30 -10.85
CA PHE A 72 1.89 11.46 -9.59
C PHE A 72 1.35 10.17 -8.98
N ALA A 73 1.67 9.04 -9.59
CA ALA A 73 1.24 7.78 -9.03
C ALA A 73 1.90 7.59 -7.67
N ARG A 74 1.25 6.84 -6.79
CA ARG A 74 1.91 6.42 -5.58
C ARG A 74 2.59 5.10 -5.84
N TYR A 75 3.91 5.14 -5.78
CA TYR A 75 4.71 3.93 -5.80
C TYR A 75 5.01 3.57 -4.34
N PRO A 76 4.71 2.33 -3.93
CA PRO A 76 5.08 1.83 -2.58
C PRO A 76 6.60 1.74 -2.42
N ASP A 77 7.08 1.81 -1.20
CA ASP A 77 8.53 1.81 -0.93
C ASP A 77 9.28 0.68 -1.62
N HIS A 78 8.67 -0.50 -1.71
CA HIS A 78 9.35 -1.64 -2.33
C HIS A 78 9.41 -1.53 -3.85
N MET A 79 8.56 -0.68 -4.42
CA MET A 79 8.55 -0.44 -5.86
C MET A 79 9.24 0.83 -6.35
N LYS A 80 9.78 1.62 -5.42
CA LYS A 80 10.31 2.94 -5.75
C LYS A 80 11.46 2.97 -6.77
N GLN A 81 12.07 1.81 -7.02
CA GLN A 81 13.14 1.77 -8.00
C GLN A 81 12.56 1.54 -9.40
N HIS A 82 11.25 1.30 -9.44
CA HIS A 82 10.54 1.10 -10.69
C HIS A 82 9.78 2.33 -11.23
N ASP A 83 9.93 3.49 -10.58
CA ASP A 83 9.22 4.69 -11.02
C ASP A 83 10.07 5.49 -11.98
N PHE A 84 9.74 5.38 -13.25
CA PHE A 84 10.46 6.04 -14.32
C PHE A 84 10.06 7.49 -14.34
N PHE A 85 8.77 7.75 -14.17
CA PHE A 85 8.22 9.09 -14.31
C PHE A 85 8.90 10.12 -13.43
N LYS A 86 9.00 9.85 -12.13
CA LYS A 86 9.67 10.80 -11.24
C LYS A 86 11.15 10.86 -11.55
N SER A 87 11.71 9.76 -12.02
CA SER A 87 13.15 9.73 -12.24
C SER A 87 13.58 10.61 -13.42
N ALA A 88 12.65 10.93 -14.31
CA ALA A 88 12.98 11.73 -15.48
C ALA A 88 12.84 13.21 -15.19
N MET A 89 12.33 13.52 -14.01
CA MET A 89 12.18 14.89 -13.56
C MET A 89 13.50 15.40 -12.99
N PRO A 90 13.66 16.73 -12.96
CA PRO A 90 12.79 17.77 -13.50
C PRO A 90 12.81 17.91 -15.01
N GLU A 91 13.82 17.40 -15.72
CA GLU A 91 13.88 17.63 -17.17
C GLU A 91 12.59 17.17 -17.85
N GLY A 92 12.06 16.05 -17.39
CA GLY A 92 10.76 15.57 -17.85
C GLY A 92 10.84 14.49 -18.91
N TYR A 93 9.70 14.20 -19.53
CA TYR A 93 9.60 13.17 -20.56
C TYR A 93 8.57 13.50 -21.63
N VAL A 94 8.75 12.87 -22.79
CA VAL A 94 7.75 12.92 -23.85
C VAL A 94 6.85 11.69 -23.73
N GLN A 95 5.54 11.93 -23.73
CA GLN A 95 4.56 10.87 -23.69
C GLN A 95 3.78 10.93 -24.97
N GLU A 96 3.83 9.85 -25.74
CA GLU A 96 3.12 9.79 -26.99
C GLU A 96 2.16 8.64 -26.94
N ARG A 97 1.04 8.78 -27.63
CA ARG A 97 0.02 7.74 -27.62
C ARG A 97 -0.68 7.66 -28.96
N THR A 98 -1.16 6.47 -29.27
CA THR A 98 -2.25 6.31 -30.20
C THR A 98 -3.42 5.70 -29.44
N ILE A 99 -4.61 6.28 -29.58
CA ILE A 99 -5.80 5.73 -28.98
C ILE A 99 -6.80 5.37 -30.07
N PHE A 100 -7.13 4.08 -30.16
CA PHE A 100 -8.14 3.65 -31.11
C PHE A 100 -9.48 3.50 -30.42
N PHE A 101 -10.49 4.19 -30.92
CA PHE A 101 -11.84 3.98 -30.47
C PHE A 101 -12.50 2.96 -31.40
N LYS A 102 -12.89 1.82 -30.82
CA LYS A 102 -13.44 0.71 -31.58
C LYS A 102 -14.57 1.23 -32.48
N ASP A 103 -14.53 0.83 -33.75
CA ASP A 103 -15.58 1.19 -34.72
C ASP A 103 -15.64 2.69 -34.97
N ASP A 104 -14.55 3.40 -34.71
CA ASP A 104 -14.55 4.84 -34.90
C ASP A 104 -13.12 5.35 -35.12
N GLY A 105 -12.91 6.66 -35.02
CA GLY A 105 -11.60 7.24 -35.27
C GLY A 105 -10.56 7.00 -34.19
N ASN A 106 -9.39 7.61 -34.36
CA ASN A 106 -8.31 7.45 -33.39
C ASN A 106 -7.70 8.79 -33.00
N TYR A 107 -7.12 8.86 -31.81
CA TYR A 107 -6.36 10.03 -31.41
C TYR A 107 -4.87 9.70 -31.48
N LYS A 108 -4.08 10.70 -31.87
CA LYS A 108 -2.63 10.60 -31.73
C LYS A 108 -2.19 11.83 -30.95
N THR A 109 -1.37 11.61 -29.94
CA THR A 109 -1.01 12.69 -29.04
C THR A 109 0.49 12.74 -28.78
N ARG A 110 1.00 13.94 -28.56
CA ARG A 110 2.37 14.11 -28.11
C ARG A 110 2.39 15.16 -27.04
N ALA A 111 2.96 14.79 -25.90
CA ALA A 111 2.93 15.65 -24.73
C ALA A 111 4.30 15.73 -24.09
N GLU A 112 4.63 16.92 -23.59
CA GLU A 112 5.83 17.09 -22.80
C GLU A 112 5.42 17.33 -21.36
N VAL A 113 5.96 16.51 -20.47
CA VAL A 113 5.64 16.64 -19.06
C VAL A 113 6.92 16.96 -18.32
N LYS A 114 6.92 18.04 -17.57
CA LYS A 114 8.15 18.54 -16.97
C LYS A 114 7.88 19.75 -16.10
N PHE A 115 8.85 20.07 -15.24
CA PHE A 115 8.71 21.23 -14.39
C PHE A 115 9.09 22.50 -15.12
N GLU A 116 8.23 23.51 -15.02
CA GLU A 116 8.65 24.86 -15.33
C GLU A 116 8.55 25.60 -14.00
N GLY A 117 9.70 25.89 -13.41
CA GLY A 117 9.74 26.41 -12.06
C GLY A 117 9.25 25.36 -11.07
N ASP A 118 8.31 25.75 -10.21
CA ASP A 118 7.80 24.88 -9.16
C ASP A 118 6.61 24.07 -9.66
N THR A 119 6.15 24.38 -10.86
CA THR A 119 4.93 23.80 -11.40
C THR A 119 5.21 22.63 -12.34
N LEU A 120 4.48 21.53 -12.17
CA LEU A 120 4.56 20.47 -13.15
C LEU A 120 3.62 20.73 -14.32
N VAL A 121 4.20 20.81 -15.52
CA VAL A 121 3.46 21.26 -16.70
C VAL A 121 3.32 20.16 -17.75
N ASN A 122 2.11 19.97 -18.26
CA ASN A 122 1.85 18.99 -19.29
C ASN A 122 1.32 19.70 -20.52
N ARG A 123 2.13 19.73 -21.57
CA ARG A 123 1.74 20.40 -22.81
C ARG A 123 1.48 19.36 -23.88
N ILE A 124 0.31 19.44 -24.52
CA ILE A 124 -0.10 18.40 -25.43
C ILE A 124 -0.56 18.89 -26.79
N GLU A 125 -0.19 18.15 -27.82
CA GLU A 125 -0.75 18.37 -29.13
C GLU A 125 -1.52 17.11 -29.50
N LEU A 126 -2.74 17.27 -30.00
CA LEU A 126 -3.60 16.14 -30.27
C LEU A 126 -4.25 16.22 -31.64
N LYS A 127 -4.23 15.11 -32.38
CA LYS A 127 -4.85 15.03 -33.69
C LYS A 127 -5.79 13.83 -33.77
N GLY A 128 -7.09 14.08 -33.95
CA GLY A 128 -8.03 13.01 -34.27
C GLY A 128 -8.37 12.91 -35.74
N ILE A 129 -8.64 11.69 -36.22
CA ILE A 129 -9.02 11.47 -37.60
C ILE A 129 -9.93 10.25 -37.74
N ASP A 130 -10.70 10.24 -38.83
CA ASP A 130 -11.55 9.12 -39.20
C ASP A 130 -12.73 8.90 -38.24
N PHE A 131 -13.20 9.97 -37.62
CA PHE A 131 -14.33 9.84 -36.73
C PHE A 131 -15.67 9.89 -37.47
N LYS A 132 -16.55 8.94 -37.15
CA LYS A 132 -17.92 9.00 -37.63
C LYS A 132 -18.56 10.25 -37.05
N GLU A 133 -19.16 11.08 -37.89
CA GLU A 133 -19.83 12.29 -37.42
C GLU A 133 -21.03 11.99 -36.53
N ASP A 134 -21.61 10.81 -36.72
CA ASP A 134 -22.74 10.35 -35.93
C ASP A 134 -22.34 9.42 -34.79
N GLY A 135 -21.03 9.20 -34.63
CA GLY A 135 -20.54 8.23 -33.67
C GLY A 135 -20.59 8.69 -32.22
N ASN A 136 -20.17 7.81 -31.30
CA ASN A 136 -20.24 8.16 -29.89
C ASN A 136 -19.41 9.39 -29.52
N ILE A 137 -18.35 9.63 -30.28
CA ILE A 137 -17.45 10.73 -29.98
C ILE A 137 -17.99 12.06 -30.54
N LEU A 138 -18.05 12.20 -31.86
CA LEU A 138 -18.57 13.44 -32.42
C LEU A 138 -20.05 13.62 -32.05
N GLY A 139 -20.78 12.52 -31.92
CA GLY A 139 -22.17 12.57 -31.52
C GLY A 139 -22.42 12.86 -30.04
N HIS A 140 -21.36 13.01 -29.28
CA HIS A 140 -21.43 13.25 -27.83
C HIS A 140 -22.39 12.32 -27.14
N LYS A 141 -22.12 11.04 -27.27
CA LYS A 141 -22.98 10.04 -26.68
C LYS A 141 -22.46 9.42 -25.38
N LEU A 142 -21.30 9.88 -24.91
CA LEU A 142 -20.70 9.31 -23.71
C LEU A 142 -21.28 9.87 -22.42
N GLU A 143 -21.50 9.00 -21.45
CA GLU A 143 -21.90 9.44 -20.12
C GLU A 143 -20.73 10.21 -19.53
N TYR A 144 -21.02 11.16 -18.66
CA TYR A 144 -19.95 11.88 -18.02
C TYR A 144 -19.62 11.11 -16.74
N ASN A 145 -18.61 10.26 -16.84
CA ASN A 145 -18.17 9.40 -15.75
C ASN A 145 -16.94 8.65 -16.23
N TYR A 146 -16.28 7.96 -15.30
CA TYR A 146 -15.07 7.22 -15.64
C TYR A 146 -14.99 5.95 -14.81
N ASN A 147 -14.26 4.97 -15.34
CA ASN A 147 -14.13 3.69 -14.68
C ASN A 147 -12.73 3.48 -14.19
N SER A 148 -12.50 2.31 -13.62
CA SER A 148 -11.21 1.91 -13.10
C SER A 148 -10.43 1.04 -14.12
N HIS A 149 -9.13 1.26 -14.23
CA HIS A 149 -8.33 0.56 -15.22
C HIS A 149 -6.93 0.25 -14.69
N ASN A 150 -6.35 -0.81 -15.20
CA ASN A 150 -4.94 -1.09 -14.95
C ASN A 150 -4.06 -0.66 -16.13
N VAL A 151 -3.00 0.06 -15.83
CA VAL A 151 -2.10 0.60 -16.82
C VAL A 151 -0.80 -0.18 -16.79
N TYR A 152 -0.53 -0.95 -17.84
CA TYR A 152 0.57 -1.91 -17.86
C TYR A 152 1.87 -1.34 -18.39
N ILE A 153 2.90 -1.42 -17.56
CA ILE A 153 4.17 -0.82 -17.88
C ILE A 153 5.26 -1.86 -18.10
N MET A 154 6.04 -1.62 -19.13
CA MET A 154 7.23 -2.42 -19.36
C MET A 154 8.33 -1.53 -19.91
N ALA A 155 9.57 -1.88 -19.57
CA ALA A 155 10.71 -1.13 -20.04
C ALA A 155 10.91 -1.29 -21.54
N ASP A 156 11.33 -0.19 -22.19
CA ASP A 156 11.86 -0.26 -23.54
C ASP A 156 13.33 0.14 -23.43
N LYS A 157 14.24 -0.83 -23.53
CA LYS A 157 15.65 -0.54 -23.30
C LYS A 157 16.20 0.24 -24.47
N GLN A 158 15.86 -0.17 -25.68
CA GLN A 158 16.37 0.51 -26.87
C GLN A 158 16.13 2.02 -26.79
N LYS A 159 14.97 2.41 -26.30
CA LYS A 159 14.57 3.82 -26.27
C LYS A 159 14.88 4.50 -24.94
N ASN A 160 15.56 3.79 -24.05
CA ASN A 160 15.79 4.30 -22.69
C ASN A 160 14.51 4.85 -22.06
N GLY A 161 13.47 4.02 -22.01
CA GLY A 161 12.15 4.47 -21.60
C GLY A 161 11.18 3.32 -21.37
N ILE A 162 9.88 3.62 -21.45
CA ILE A 162 8.85 2.61 -21.23
C ILE A 162 7.81 2.50 -22.35
N LYS A 163 7.20 1.32 -22.43
CA LYS A 163 6.05 1.05 -23.26
C LYS A 163 4.86 0.80 -22.34
N VAL A 164 3.71 1.34 -22.70
CA VAL A 164 2.53 1.30 -21.85
C VAL A 164 1.32 0.98 -22.70
N ASN A 165 0.41 0.19 -22.18
CA ASN A 165 -0.82 -0.07 -22.90
C ASN A 165 -1.94 -0.34 -21.93
N PHE A 166 -3.16 -0.09 -22.39
CA PHE A 166 -4.34 -0.33 -21.61
C PHE A 166 -5.59 -0.07 -22.43
N LYS A 167 -6.73 -0.49 -21.89
CA LYS A 167 -8.02 -0.39 -22.56
C LYS A 167 -8.96 0.41 -21.68
N ILE A 168 -9.38 1.59 -22.15
CA ILE A 168 -10.35 2.37 -21.38
C ILE A 168 -11.76 1.94 -21.76
N ARG A 169 -12.62 1.83 -20.77
CA ARG A 169 -14.02 1.52 -21.00
C ARG A 169 -14.86 2.77 -20.79
N HIS A 170 -15.43 3.30 -21.88
CA HIS A 170 -16.28 4.48 -21.85
C HIS A 170 -17.75 4.10 -21.86
N ASN A 171 -18.47 4.38 -20.79
CA ASN A 171 -19.89 4.07 -20.76
C ASN A 171 -20.70 4.97 -21.71
N ILE A 172 -21.61 4.36 -22.45
CA ILE A 172 -22.41 5.04 -23.45
C ILE A 172 -23.81 5.22 -22.86
N GLU A 173 -24.51 6.27 -23.27
CA GLU A 173 -25.82 6.63 -22.71
C GLU A 173 -26.90 5.56 -22.88
N ASP A 174 -26.72 4.68 -23.86
CA ASP A 174 -27.67 3.60 -24.10
C ASP A 174 -27.27 2.32 -23.38
N GLY A 175 -26.26 2.41 -22.52
CA GLY A 175 -25.88 1.29 -21.68
C GLY A 175 -24.81 0.41 -22.30
N SER A 176 -24.41 0.72 -23.52
CA SER A 176 -23.31 -0.01 -24.14
C SER A 176 -21.99 0.61 -23.70
N VAL A 177 -20.89 0.02 -24.16
CA VAL A 177 -19.58 0.48 -23.76
C VAL A 177 -18.73 0.74 -25.00
N GLN A 178 -18.01 1.86 -24.98
CA GLN A 178 -17.11 2.24 -26.06
C GLN A 178 -15.68 2.00 -25.61
N LEU A 179 -14.99 1.04 -26.22
CA LEU A 179 -13.60 0.73 -25.84
C LEU A 179 -12.60 1.70 -26.46
N ALA A 180 -11.59 2.10 -25.70
CA ALA A 180 -10.50 2.87 -26.31
C ALA A 180 -9.16 2.28 -25.97
N ASP A 181 -8.53 1.67 -26.97
CA ASP A 181 -7.23 1.00 -26.79
C ASP A 181 -6.10 2.02 -26.85
N HIS A 182 -5.32 2.06 -25.78
CA HIS A 182 -4.25 3.03 -25.64
C HIS A 182 -2.92 2.35 -25.88
N TYR A 183 -2.09 2.93 -26.74
CA TYR A 183 -0.71 2.49 -26.87
C TYR A 183 0.18 3.70 -26.65
N GLN A 184 1.08 3.57 -25.69
CA GLN A 184 1.80 4.69 -25.13
C GLN A 184 3.30 4.41 -25.08
N GLN A 185 4.10 5.45 -25.31
CA GLN A 185 5.52 5.35 -25.04
C GLN A 185 5.96 6.64 -24.35
N ASN A 186 6.91 6.51 -23.43
CA ASN A 186 7.42 7.65 -22.70
C ASN A 186 8.93 7.72 -22.88
N THR A 187 9.44 8.91 -23.18
CA THR A 187 10.87 9.06 -23.42
C THR A 187 11.49 10.22 -22.63
N PRO A 188 12.67 10.01 -22.08
CA PRO A 188 13.33 11.08 -21.33
C PRO A 188 13.63 12.27 -22.22
N ILE A 189 13.43 13.47 -21.69
CA ILE A 189 13.81 14.69 -22.37
C ILE A 189 15.29 14.96 -22.13
N GLY A 190 15.71 14.78 -20.88
CA GLY A 190 17.07 15.06 -20.48
C GLY A 190 17.99 13.91 -20.79
N ASP A 191 19.28 14.13 -20.60
CA ASP A 191 20.27 13.08 -20.82
C ASP A 191 20.71 12.37 -19.54
N GLY A 192 20.17 12.81 -18.41
CA GLY A 192 20.42 12.17 -17.13
C GLY A 192 19.90 10.74 -17.08
N PRO A 193 20.37 9.96 -16.10
CA PRO A 193 19.98 8.54 -15.98
C PRO A 193 18.56 8.35 -15.44
N VAL A 194 17.87 7.33 -15.91
CA VAL A 194 16.52 7.07 -15.45
C VAL A 194 16.32 5.62 -15.03
N LEU A 195 15.33 5.38 -14.19
CA LEU A 195 15.00 4.03 -13.79
C LEU A 195 14.22 3.31 -14.89
N LEU A 196 14.66 2.12 -15.26
CA LEU A 196 13.94 1.28 -16.19
C LEU A 196 13.33 0.12 -15.40
N PRO A 197 11.99 0.10 -15.28
CA PRO A 197 11.26 -0.82 -14.40
C PRO A 197 11.07 -2.23 -14.95
N ASP A 198 10.95 -3.19 -14.04
CA ASP A 198 10.42 -4.49 -14.41
C ASP A 198 8.92 -4.32 -14.70
N ASN A 199 8.36 -5.29 -15.39
CA ASN A 199 6.94 -5.27 -15.68
C ASN A 199 6.11 -5.03 -14.42
N HIS A 200 5.19 -4.08 -14.51
CA HIS A 200 4.25 -3.82 -13.44
C HIS A 200 3.08 -3.04 -13.99
N TYR A 201 2.19 -2.57 -13.11
CA TYR A 201 1.04 -1.78 -13.56
C TYR A 201 0.64 -0.71 -12.57
N LEU A 202 -0.11 0.27 -13.07
CA LEU A 202 -0.67 1.33 -12.23
C LEU A 202 -2.16 1.07 -12.14
N SER A 203 -2.66 0.99 -10.91
CA SER A 203 -4.09 0.84 -10.70
C SER A 203 -4.63 2.23 -10.70
N THR A 204 -5.56 2.49 -11.61
CA THR A 204 -6.06 3.83 -11.80
C THR A 204 -7.56 3.93 -11.50
N GLN A 205 -7.93 4.92 -10.69
CA GLN A 205 -9.33 5.25 -10.52
C GLN A 205 -9.58 6.74 -10.72
N SER A 206 -10.71 7.09 -11.33
CA SER A 206 -10.98 8.48 -11.67
C SER A 206 -12.45 8.78 -11.51
N ALA A 207 -12.74 10.04 -11.23
CA ALA A 207 -14.11 10.51 -11.10
C ALA A 207 -14.21 11.89 -11.72
N LEU A 208 -15.26 12.10 -12.50
CA LEU A 208 -15.48 13.37 -13.16
C LEU A 208 -16.57 14.11 -12.44
N SER A 209 -16.33 15.37 -12.10
CA SER A 209 -17.38 16.16 -11.50
C SER A 209 -17.40 17.59 -12.05
N LYS A 210 -18.25 18.41 -11.45
CA LYS A 210 -18.40 19.79 -11.85
C LYS A 210 -18.21 20.73 -10.66
N ASP A 211 -17.90 21.98 -10.97
CA ASP A 211 -18.02 23.08 -10.02
C ASP A 211 -19.43 23.67 -10.23
N PRO A 212 -20.31 23.51 -9.23
CA PRO A 212 -21.71 23.92 -9.36
C PRO A 212 -21.83 25.41 -9.66
N ASN A 213 -20.81 26.16 -9.26
CA ASN A 213 -20.73 27.59 -9.54
C ASN A 213 -20.32 27.85 -10.97
N GLU A 214 -19.35 27.09 -11.45
CA GLU A 214 -18.79 27.35 -12.78
C GLU A 214 -19.90 27.37 -13.83
N LYS A 215 -19.98 28.48 -14.55
CA LYS A 215 -20.94 28.66 -15.65
C LYS A 215 -20.44 28.10 -16.97
N ARG A 216 -19.13 28.19 -17.19
CA ARG A 216 -18.48 27.70 -18.41
C ARG A 216 -18.49 26.18 -18.45
N ASP A 217 -18.53 25.60 -19.64
CA ASP A 217 -18.41 24.16 -19.77
C ASP A 217 -17.04 23.76 -19.24
N HIS A 218 -17.00 22.75 -18.38
CA HIS A 218 -15.76 22.41 -17.73
C HIS A 218 -15.77 20.99 -17.21
N MET A 219 -14.59 20.47 -16.93
CA MET A 219 -14.47 19.19 -16.27
C MET A 219 -13.57 19.31 -15.05
N VAL A 220 -14.07 18.80 -13.93
CA VAL A 220 -13.25 18.59 -12.76
C VAL A 220 -12.89 17.12 -12.71
N LEU A 221 -11.61 16.82 -12.66
CA LEU A 221 -11.12 15.45 -12.77
C LEU A 221 -10.37 15.05 -11.51
N LEU A 222 -10.76 13.92 -10.94
CA LEU A 222 -10.08 13.41 -9.76
C LEU A 222 -9.50 12.03 -10.01
N GLU A 223 -8.19 11.91 -9.80
CA GLU A 223 -7.47 10.68 -10.08
C GLU A 223 -6.80 10.11 -8.83
N PHE A 224 -6.82 8.79 -8.74
CA PHE A 224 -6.16 8.08 -7.68
C PHE A 224 -5.38 6.97 -8.36
N VAL A 225 -4.08 6.96 -8.13
CA VAL A 225 -3.23 6.09 -8.89
C VAL A 225 -2.17 5.49 -7.97
N THR A 226 -2.06 4.18 -8.02
CA THR A 226 -1.13 3.45 -7.16
C THR A 226 -0.46 2.37 -7.99
N ALA A 227 0.87 2.30 -7.93
CA ALA A 227 1.63 1.26 -8.60
C ALA A 227 1.47 -0.10 -7.91
N ALA A 228 1.50 -1.18 -8.67
CA ALA A 228 1.40 -2.54 -8.12
C ALA A 228 1.89 -3.61 -9.09
N GLY A 229 1.75 -4.88 -8.72
CA GLY A 229 2.11 -5.98 -9.59
C GLY A 229 3.47 -6.58 -9.32
N ILE A 230 4.15 -6.10 -8.29
CA ILE A 230 5.44 -6.66 -7.91
C ILE A 230 5.48 -6.92 -6.41
N ALA A 231 5.70 -8.18 -6.04
CA ALA A 231 5.68 -8.57 -4.63
C ALA A 231 6.90 -8.09 -3.87
N ALA A 232 6.66 -7.48 -2.72
CA ALA A 232 7.74 -7.14 -1.79
C ALA A 232 8.30 -8.39 -1.14
N ALA A 233 9.59 -8.34 -0.84
CA ALA A 233 10.26 -9.44 -0.16
C ALA A 233 9.64 -9.61 1.22
N ARG A 234 9.51 -10.87 1.65
CA ARG A 234 8.82 -11.17 2.88
C ARG A 234 9.72 -11.81 3.95
N ASN A 235 9.40 -11.55 5.20
CA ASN A 235 10.09 -12.18 6.32
C ASN A 235 9.22 -12.22 7.55
N LEU A 236 9.82 -12.52 8.69
CA LEU A 236 9.08 -12.69 9.94
C LEU A 236 8.21 -11.48 10.32
N GLN A 237 8.67 -10.27 10.01
CA GLN A 237 7.82 -9.10 10.21
C GLN A 237 6.47 -9.34 9.55
N ASP A 238 6.50 -9.66 8.27
CA ASP A 238 5.28 -9.84 7.50
C ASP A 238 4.42 -10.96 8.10
N ASP A 239 5.06 -12.03 8.59
CA ASP A 239 4.29 -13.10 9.21
C ASP A 239 3.61 -12.60 10.47
N LEU A 240 4.36 -11.87 11.29
CA LEU A 240 3.84 -11.29 12.52
C LEU A 240 2.64 -10.39 12.25
N GLN A 241 2.78 -9.52 11.25
CA GLN A 241 1.74 -8.58 10.92
C GLN A 241 0.48 -9.33 10.57
N ASP A 242 0.65 -10.44 9.85
CA ASP A 242 -0.51 -11.27 9.51
C ASP A 242 -1.27 -11.84 10.74
N PHE A 243 -0.57 -12.22 11.80
CA PHE A 243 -1.27 -12.67 12.99
C PHE A 243 -1.97 -11.51 13.69
N LEU A 244 -1.27 -10.38 13.76
CA LEU A 244 -1.87 -9.20 14.39
C LEU A 244 -3.14 -8.78 13.62
N ALA A 245 -3.08 -8.89 12.30
CA ALA A 245 -4.23 -8.59 11.45
C ALA A 245 -5.48 -9.37 11.87
N LEU A 246 -5.29 -10.62 12.31
CA LEU A 246 -6.42 -11.44 12.71
C LEU A 246 -6.92 -11.00 14.09
N ILE A 247 -6.12 -10.19 14.76
CA ILE A 247 -6.35 -9.88 16.16
C ILE A 247 -6.87 -8.47 16.37
N PRO A 248 -8.05 -8.35 17.01
CA PRO A 248 -8.59 -7.04 17.37
C PRO A 248 -7.77 -6.38 18.48
N VAL A 249 -6.60 -5.86 18.11
CA VAL A 249 -5.61 -5.36 19.06
C VAL A 249 -6.11 -4.19 19.92
N ASP A 250 -7.05 -3.43 19.36
CA ASP A 250 -7.58 -2.25 20.02
C ASP A 250 -8.44 -2.64 21.22
N GLN A 251 -9.39 -3.53 20.99
CA GLN A 251 -10.18 -4.09 22.08
C GLN A 251 -9.25 -4.66 23.16
N ILE A 252 -8.37 -5.56 22.75
CA ILE A 252 -7.48 -6.26 23.69
C ILE A 252 -6.66 -5.28 24.53
N ILE A 253 -6.03 -4.32 23.87
CA ILE A 253 -5.20 -3.36 24.59
C ILE A 253 -6.04 -2.62 25.64
N ALA A 254 -7.31 -2.37 25.32
CA ALA A 254 -8.21 -1.63 26.21
C ALA A 254 -8.62 -2.47 27.43
N ILE A 255 -9.07 -3.69 27.17
CA ILE A 255 -9.37 -4.64 28.24
C ILE A 255 -8.21 -4.75 29.21
N ALA A 256 -7.01 -4.99 28.68
CA ALA A 256 -5.83 -5.06 29.54
C ALA A 256 -5.68 -3.77 30.34
N THR A 257 -5.75 -2.63 29.65
CA THR A 257 -5.63 -1.33 30.30
C THR A 257 -6.62 -1.21 31.46
N ASP A 258 -7.85 -1.63 31.23
CA ASP A 258 -8.90 -1.59 32.26
C ASP A 258 -8.56 -2.43 33.49
N TYR A 259 -8.29 -3.71 33.31
CA TYR A 259 -7.91 -4.57 34.44
C TYR A 259 -6.73 -3.97 35.20
N LEU A 260 -5.72 -3.54 34.46
CA LEU A 260 -4.54 -2.92 35.06
C LEU A 260 -4.94 -1.76 35.97
N ALA A 261 -5.93 -0.99 35.53
CA ALA A 261 -6.42 0.14 36.33
C ALA A 261 -7.24 -0.27 37.56
N ASN A 262 -8.26 -1.09 37.35
CA ASN A 262 -9.24 -1.35 38.40
C ASN A 262 -9.11 -2.65 39.20
N ASP A 263 -8.16 -3.51 38.82
CA ASP A 263 -8.09 -4.82 39.47
C ASP A 263 -6.81 -5.02 40.27
N ALA A 264 -6.98 -5.36 41.55
CA ALA A 264 -5.90 -5.47 42.50
C ALA A 264 -4.92 -6.58 42.15
N GLU A 265 -5.46 -7.74 41.81
CA GLU A 265 -4.67 -8.93 41.53
C GLU A 265 -3.82 -8.74 40.28
N VAL A 266 -4.38 -8.10 39.27
CA VAL A 266 -3.64 -7.81 38.05
C VAL A 266 -2.47 -6.86 38.35
N GLN A 267 -2.73 -5.83 39.13
CA GLN A 267 -1.68 -4.91 39.57
C GLN A 267 -0.61 -5.63 40.38
N ALA A 268 -1.03 -6.58 41.22
CA ALA A 268 -0.07 -7.32 42.03
C ALA A 268 0.89 -8.11 41.14
N ALA A 269 0.34 -8.73 40.11
CA ALA A 269 1.14 -9.51 39.18
C ALA A 269 2.11 -8.61 38.42
N VAL A 270 1.69 -7.39 38.14
CA VAL A 270 2.59 -6.43 37.52
C VAL A 270 3.69 -6.03 38.49
N ALA A 271 3.34 -5.88 39.76
CA ALA A 271 4.33 -5.59 40.78
C ALA A 271 5.34 -6.73 40.81
N TYR A 272 4.84 -7.96 40.68
CA TYR A 272 5.68 -9.14 40.72
C TYR A 272 6.65 -9.12 39.56
N LEU A 273 6.26 -8.47 38.47
CA LEU A 273 7.11 -8.38 37.30
C LEU A 273 8.37 -7.53 37.55
N GLN A 274 8.28 -6.57 38.46
CA GLN A 274 9.46 -5.80 38.87
C GLN A 274 10.10 -6.41 40.10
N SER A 275 9.56 -7.54 40.53
CA SER A 275 10.04 -8.25 41.70
C SER A 275 11.45 -8.80 41.49
N ASP A 276 12.16 -8.99 42.60
CA ASP A 276 13.54 -9.46 42.56
C ASP A 276 13.63 -10.96 42.29
N GLU A 277 12.63 -11.71 42.72
CA GLU A 277 12.56 -13.14 42.38
C GLU A 277 12.42 -13.28 40.87
N PHE A 278 11.52 -12.48 40.31
CA PHE A 278 11.32 -12.50 38.87
C PHE A 278 12.57 -12.01 38.14
N GLU A 279 13.26 -11.03 38.73
CA GLU A 279 14.51 -10.52 38.15
C GLU A 279 15.51 -11.67 37.97
N THR A 280 15.63 -12.51 39.00
CA THR A 280 16.55 -13.64 38.95
C THR A 280 16.28 -14.49 37.71
N ILE A 281 15.00 -14.64 37.38
CA ILE A 281 14.60 -15.43 36.24
C ILE A 281 15.07 -14.80 34.93
N VAL A 282 14.71 -13.56 34.70
CA VAL A 282 15.15 -12.83 33.52
C VAL A 282 16.68 -12.87 33.36
N VAL A 283 17.37 -12.46 34.43
CA VAL A 283 18.83 -12.43 34.43
C VAL A 283 19.44 -13.77 34.00
N ALA A 284 18.93 -14.86 34.56
CA ALA A 284 19.50 -16.17 34.29
C ALA A 284 19.27 -16.62 32.84
N LEU A 285 18.11 -16.29 32.28
CA LEU A 285 17.82 -16.59 30.88
C LEU A 285 18.68 -15.73 29.95
N ASP A 286 18.75 -14.44 30.25
CA ASP A 286 19.59 -13.54 29.46
C ASP A 286 21.04 -14.04 29.44
N ALA A 287 21.43 -14.77 30.50
CA ALA A 287 22.80 -15.30 30.58
C ALA A 287 23.03 -16.47 29.65
N LEU A 288 21.96 -17.16 29.25
CA LEU A 288 22.09 -18.32 28.37
C LEU A 288 22.47 -17.94 26.95
N PRO A 289 23.61 -18.44 26.48
CA PRO A 289 24.05 -18.21 25.10
C PRO A 289 23.00 -18.65 24.10
N GLU A 290 22.30 -19.74 24.38
CA GLU A 290 21.30 -20.22 23.43
C GLU A 290 20.11 -19.27 23.32
N LEU A 291 19.84 -18.51 24.38
CA LEU A 291 18.78 -17.51 24.31
C LEU A 291 19.24 -16.38 23.42
N GLN A 292 20.50 -16.00 23.58
CA GLN A 292 21.09 -14.99 22.71
C GLN A 292 20.99 -15.38 21.25
N ASN A 293 21.49 -16.57 20.91
CA ASN A 293 21.41 -17.07 19.55
C ASN A 293 19.99 -16.99 19.00
N PHE A 294 19.02 -17.32 19.86
CA PHE A 294 17.64 -17.29 19.42
C PHE A 294 17.23 -15.85 19.08
N LEU A 295 17.55 -14.91 19.97
CA LEU A 295 17.31 -13.49 19.72
C LEU A 295 17.96 -13.02 18.43
N ASN A 296 19.25 -13.31 18.27
CA ASN A 296 19.95 -12.94 17.04
C ASN A 296 19.23 -13.52 15.84
N PHE A 297 18.81 -14.77 15.96
CA PHE A 297 18.07 -15.43 14.90
C PHE A 297 16.85 -14.60 14.51
N LEU A 298 16.05 -14.23 15.51
CA LEU A 298 14.89 -13.39 15.26
C LEU A 298 15.28 -12.07 14.61
N GLU A 299 16.39 -11.50 15.07
CA GLU A 299 16.85 -10.22 14.57
C GLU A 299 17.18 -10.32 13.09
N ALA A 300 17.94 -11.34 12.74
CA ALA A 300 18.37 -11.51 11.35
C ALA A 300 17.20 -11.80 10.40
N ASN A 301 16.08 -12.25 10.96
CA ASN A 301 14.89 -12.57 10.15
C ASN A 301 13.79 -11.52 10.10
N GLY A 302 14.08 -10.34 10.64
CA GLY A 302 13.18 -9.21 10.53
C GLY A 302 12.46 -8.79 11.80
N LEU A 303 12.74 -9.45 12.90
CA LEU A 303 12.12 -9.05 14.15
C LEU A 303 13.04 -8.21 15.03
N ASN A 304 12.51 -7.11 15.55
CA ASN A 304 13.25 -6.37 16.54
C ASN A 304 12.80 -6.96 17.85
N ALA A 305 13.69 -7.75 18.43
CA ALA A 305 13.37 -8.58 19.59
C ALA A 305 13.80 -7.85 20.84
N ILE A 306 15.10 -7.59 20.91
CA ILE A 306 15.68 -6.83 22.00
C ILE A 306 14.92 -5.53 22.21
N ASP A 307 14.56 -4.87 21.12
CA ASP A 307 13.78 -3.65 21.22
C ASP A 307 12.51 -3.90 22.03
N PHE A 308 11.83 -4.99 21.71
CA PHE A 308 10.54 -5.31 22.32
C PHE A 308 10.65 -5.64 23.81
N LEU A 309 11.64 -6.46 24.16
CA LEU A 309 11.84 -6.89 25.54
C LEU A 309 12.38 -5.78 26.44
N ASN A 310 13.49 -5.17 26.05
CA ASN A 310 14.08 -4.09 26.81
C ASN A 310 13.11 -2.93 26.92
N GLY A 311 12.28 -2.78 25.90
CA GLY A 311 11.27 -1.74 25.84
C GLY A 311 9.94 -2.16 26.42
N ILE A 312 9.95 -3.15 27.30
CA ILE A 312 8.72 -3.59 27.95
C ILE A 312 8.71 -3.26 29.44
N HIS A 313 7.88 -2.29 29.81
CA HIS A 313 7.69 -1.86 31.20
C HIS A 313 6.43 -1.00 31.33
N HIS A 329 -15.31 0.86 31.46
CA HIS A 329 -14.72 -0.41 31.86
C HIS A 329 -15.33 -1.61 31.12
N ILE A 330 -14.59 -2.16 30.16
CA ILE A 330 -15.04 -3.34 29.39
C ILE A 330 -14.88 -4.61 30.21
N ARG A 331 -14.26 -4.46 31.38
CA ARG A 331 -13.89 -5.58 32.20
C ARG A 331 -15.13 -6.41 32.48
N ARG A 332 -15.11 -7.68 32.10
CA ARG A 332 -16.20 -8.60 32.41
C ARG A 332 -15.91 -9.56 33.57
N GLY A 333 -14.74 -9.44 34.18
CA GLY A 333 -14.23 -10.50 35.05
C GLY A 333 -13.36 -10.03 36.20
N VAL A 334 -12.75 -10.97 36.91
CA VAL A 334 -11.98 -10.63 38.10
C VAL A 334 -10.61 -11.31 38.16
N GLY A 335 -9.58 -10.51 38.44
CA GLY A 335 -8.24 -11.03 38.54
C GLY A 335 -7.62 -11.41 37.21
N ILE A 336 -6.55 -12.18 37.28
CA ILE A 336 -5.81 -12.65 36.11
C ILE A 336 -6.70 -13.49 35.20
N THR A 337 -7.42 -14.45 35.77
CA THR A 337 -8.32 -15.27 34.97
C THR A 337 -9.37 -14.41 34.27
N GLY A 338 -9.86 -13.38 34.96
CA GLY A 338 -10.81 -12.46 34.35
C GLY A 338 -10.19 -11.81 33.12
N LEU A 339 -8.97 -11.31 33.29
CA LEU A 339 -8.23 -10.76 32.17
C LEU A 339 -8.03 -11.78 31.05
N ILE A 340 -7.59 -12.98 31.42
CA ILE A 340 -7.32 -14.00 30.41
C ILE A 340 -8.59 -14.36 29.66
N ASP A 341 -9.69 -14.49 30.40
CA ASP A 341 -10.94 -14.89 29.78
C ASP A 341 -11.48 -13.81 28.84
N ASP A 342 -11.31 -12.55 29.21
CA ASP A 342 -11.85 -11.47 28.40
C ASP A 342 -11.10 -11.36 27.07
N VAL A 343 -9.78 -11.47 27.14
CA VAL A 343 -9.00 -11.48 25.93
C VAL A 343 -9.33 -12.68 25.05
N LEU A 344 -9.47 -13.85 25.67
CA LEU A 344 -9.79 -15.05 24.91
C LEU A 344 -11.11 -14.95 24.15
N ALA A 345 -12.14 -14.44 24.81
CA ALA A 345 -13.45 -14.34 24.19
C ALA A 345 -13.33 -13.59 22.86
N ILE A 346 -12.33 -12.72 22.80
CA ILE A 346 -12.07 -11.86 21.65
C ILE A 346 -11.33 -12.54 20.50
N LEU A 347 -10.31 -13.34 20.82
CA LEU A 347 -9.45 -13.92 19.80
C LEU A 347 -10.17 -14.97 18.96
N PRO A 348 -9.93 -14.96 17.65
CA PRO A 348 -10.41 -16.03 16.76
C PRO A 348 -9.45 -17.21 16.77
N ILE A 349 -9.61 -18.06 17.78
CA ILE A 349 -8.73 -19.20 17.98
C ILE A 349 -8.63 -20.09 16.75
N GLU A 350 -9.79 -20.52 16.24
CA GLU A 350 -9.80 -21.43 15.10
C GLU A 350 -9.07 -20.82 13.91
N ASP A 351 -9.25 -19.52 13.70
CA ASP A 351 -8.61 -18.84 12.57
C ASP A 351 -7.10 -18.67 12.74
N LEU A 352 -6.69 -18.18 13.90
CA LEU A 352 -5.27 -18.06 14.21
C LEU A 352 -4.60 -19.40 14.00
N LYS A 353 -5.20 -20.45 14.56
CA LYS A 353 -4.66 -21.80 14.44
C LYS A 353 -4.57 -22.22 12.98
N ALA A 354 -5.52 -21.79 12.16
CA ALA A 354 -5.47 -22.11 10.75
C ALA A 354 -4.34 -21.36 10.07
N LEU A 355 -4.21 -20.07 10.39
CA LEU A 355 -3.17 -19.24 9.79
C LEU A 355 -1.78 -19.79 10.16
N PHE A 356 -1.70 -20.34 11.37
CA PHE A 356 -0.47 -20.91 11.90
C PHE A 356 -0.10 -22.12 11.08
N ASN A 357 -1.04 -23.04 10.91
CA ASN A 357 -0.83 -24.23 10.09
C ASN A 357 -0.49 -23.88 8.65
N GLU A 358 -1.14 -22.85 8.12
CA GLU A 358 -0.89 -22.44 6.74
C GLU A 358 0.54 -21.94 6.56
N LYS A 359 0.99 -21.07 7.46
CA LYS A 359 2.33 -20.49 7.32
C LYS A 359 3.46 -21.52 7.42
N LEU A 360 3.22 -22.64 8.09
CA LEU A 360 4.19 -23.73 8.11
C LEU A 360 4.41 -24.24 6.69
N GLU A 361 3.33 -24.24 5.90
CA GLU A 361 3.39 -24.59 4.49
C GLU A 361 3.95 -23.45 3.61
N THR A 362 3.40 -22.24 3.74
CA THR A 362 3.64 -21.19 2.75
C THR A 362 4.77 -20.19 3.03
N SER A 363 5.26 -20.19 4.26
CA SER A 363 6.34 -19.29 4.65
C SER A 363 7.56 -20.06 5.12
N PRO A 364 8.67 -19.94 4.38
CA PRO A 364 9.96 -20.53 4.75
C PRO A 364 10.48 -20.00 6.08
N ASP A 365 10.36 -18.70 6.28
CA ASP A 365 10.91 -18.10 7.48
C ASP A 365 10.16 -18.60 8.69
N PHE A 366 8.85 -18.72 8.55
CA PHE A 366 8.03 -19.11 9.68
C PHE A 366 8.30 -20.55 10.07
N LEU A 367 8.60 -21.39 9.08
CA LEU A 367 8.88 -22.79 9.31
C LEU A 367 10.26 -22.95 9.95
N ALA A 368 11.21 -22.13 9.52
CA ALA A 368 12.53 -22.15 10.14
C ALA A 368 12.40 -21.74 11.60
N LEU A 369 11.53 -20.77 11.85
CA LEU A 369 11.29 -20.27 13.19
C LEU A 369 10.74 -21.38 14.09
N TYR A 370 9.75 -22.08 13.55
CA TYR A 370 9.14 -23.23 14.18
C TYR A 370 10.20 -24.28 14.50
N ASN A 371 11.00 -24.62 13.50
CA ASN A 371 12.06 -25.60 13.65
C ASN A 371 13.12 -25.14 14.64
N ALA A 372 13.38 -23.84 14.65
CA ALA A 372 14.33 -23.25 15.59
C ALA A 372 13.86 -23.45 17.02
N ILE A 373 12.58 -23.22 17.25
CA ILE A 373 11.99 -23.38 18.58
C ILE A 373 12.01 -24.84 19.04
N ARG A 374 11.88 -25.77 18.08
CA ARG A 374 11.83 -27.19 18.39
C ARG A 374 13.24 -27.79 18.50
N SER A 375 14.24 -26.97 18.20
CA SER A 375 15.64 -27.41 18.24
C SER A 375 16.07 -27.70 19.68
N PRO A 376 17.02 -28.64 19.84
CA PRO A 376 17.59 -29.01 21.14
C PRO A 376 18.14 -27.78 21.85
N GLU A 377 18.79 -26.92 21.07
CA GLU A 377 19.32 -25.68 21.58
C GLU A 377 18.25 -24.91 22.32
N PHE A 378 17.08 -24.78 21.71
CA PHE A 378 16.04 -23.96 22.30
C PHE A 378 15.37 -24.65 23.47
N GLN A 379 15.14 -25.95 23.35
CA GLN A 379 14.48 -26.68 24.41
C GLN A 379 15.30 -26.63 25.71
N SER A 380 16.61 -26.43 25.57
CA SER A 380 17.47 -26.39 26.75
C SER A 380 17.28 -25.08 27.47
N ILE A 381 16.82 -24.06 26.75
CA ILE A 381 16.49 -22.79 27.40
C ILE A 381 15.27 -23.07 28.23
N VAL A 382 14.34 -23.82 27.65
CA VAL A 382 13.08 -24.16 28.31
C VAL A 382 13.31 -25.03 29.54
N GLN A 383 14.26 -25.96 29.42
CA GLN A 383 14.60 -26.86 30.51
C GLN A 383 15.33 -26.14 31.65
N THR A 384 16.20 -25.21 31.29
CA THR A 384 16.86 -24.38 32.29
C THR A 384 15.80 -23.66 33.10
N LEU A 385 14.86 -23.04 32.40
CA LEU A 385 13.76 -22.33 33.05
C LEU A 385 12.98 -23.23 34.01
N ASN A 386 12.57 -24.40 33.51
CA ASN A 386 11.78 -25.36 34.30
C ASN A 386 12.48 -25.76 35.60
N ALA A 387 13.80 -25.63 35.64
CA ALA A 387 14.58 -26.03 36.82
C ALA A 387 14.84 -24.91 37.82
N MET A 388 14.44 -23.69 37.45
CA MET A 388 14.52 -22.58 38.37
C MET A 388 13.40 -22.70 39.38
N PRO A 389 13.74 -22.88 40.67
CA PRO A 389 12.65 -22.96 41.66
C PRO A 389 11.86 -21.66 41.75
N GLU A 390 12.48 -20.53 41.41
CA GLU A 390 11.74 -19.26 41.41
C GLU A 390 10.68 -19.25 40.31
N TYR A 391 10.95 -19.95 39.21
CA TYR A 391 9.97 -20.12 38.14
C TYR A 391 8.87 -21.06 38.59
N GLN A 392 9.28 -22.19 39.17
CA GLN A 392 8.35 -23.20 39.66
C GLN A 392 7.41 -22.58 40.68
N ASN A 393 7.93 -21.60 41.41
CA ASN A 393 7.16 -20.87 42.40
C ASN A 393 6.20 -19.91 41.71
N LEU A 394 6.66 -19.28 40.64
CA LEU A 394 5.80 -18.40 39.85
C LEU A 394 4.57 -19.14 39.33
N LEU A 395 4.75 -20.36 38.84
CA LEU A 395 3.65 -21.19 38.40
C LEU A 395 2.66 -21.52 39.53
N GLN A 396 3.20 -21.90 40.69
CA GLN A 396 2.36 -22.17 41.84
C GLN A 396 1.60 -20.92 42.30
N LYS A 397 2.27 -19.77 42.24
CA LYS A 397 1.61 -18.50 42.57
C LYS A 397 0.39 -18.28 41.68
N LEU A 398 0.49 -18.70 40.41
CA LEU A 398 -0.62 -18.62 39.47
C LEU A 398 -1.68 -19.69 39.70
N ARG A 399 -1.27 -20.93 39.92
CA ARG A 399 -2.23 -22.01 40.14
C ARG A 399 -3.14 -21.70 41.33
N GLU A 400 -2.61 -21.01 42.32
CA GLU A 400 -3.38 -20.66 43.52
C GLU A 400 -4.32 -19.47 43.29
N LYS A 401 -4.06 -18.69 42.25
CA LYS A 401 -4.97 -17.61 41.87
C LYS A 401 -6.02 -18.08 40.87
N GLY A 402 -6.06 -19.38 40.62
CA GLY A 402 -7.12 -19.98 39.82
C GLY A 402 -6.76 -20.19 38.37
N VAL A 403 -5.59 -19.68 37.95
CA VAL A 403 -5.13 -19.86 36.58
C VAL A 403 -4.72 -21.31 36.35
N ASP A 404 -5.27 -21.96 35.34
CA ASP A 404 -4.85 -23.34 35.13
C ASP A 404 -3.67 -23.32 34.16
N VAL A 405 -2.49 -23.42 34.73
CA VAL A 405 -1.26 -23.19 33.99
C VAL A 405 -0.93 -24.45 33.24
N ASP A 406 -1.14 -25.56 33.92
CA ASP A 406 -0.80 -26.86 33.39
C ASP A 406 -1.54 -27.12 32.09
N LYS A 407 -2.82 -26.75 32.05
CA LYS A 407 -3.61 -26.90 30.84
C LYS A 407 -3.06 -26.00 29.76
N ILE A 408 -2.82 -24.74 30.11
CA ILE A 408 -2.24 -23.76 29.19
C ILE A 408 -0.89 -24.24 28.67
N ILE A 409 -0.08 -24.79 29.57
CA ILE A 409 1.24 -25.30 29.22
C ILE A 409 1.16 -26.46 28.23
N GLU A 410 0.22 -27.36 28.46
CA GLU A 410 0.02 -28.48 27.55
C GLU A 410 -0.42 -28.01 26.17
N LEU A 411 -1.37 -27.08 26.14
CA LEU A 411 -1.84 -26.49 24.89
C LEU A 411 -0.69 -26.02 24.02
N ILE A 412 0.29 -25.38 24.67
CA ILE A 412 1.45 -24.84 23.97
C ILE A 412 2.40 -25.94 23.49
N ARG A 413 2.67 -26.90 24.37
CA ARG A 413 3.48 -28.06 24.01
C ARG A 413 2.88 -28.70 22.77
N ALA A 414 1.55 -28.72 22.69
CA ALA A 414 0.88 -29.41 21.60
C ALA A 414 1.03 -28.71 20.25
N LEU A 415 1.26 -27.39 20.27
CA LEU A 415 1.51 -26.66 19.03
C LEU A 415 2.84 -27.09 18.42
N PHE A 416 3.77 -27.50 19.26
CA PHE A 416 5.14 -27.76 18.82
C PHE A 416 5.49 -29.24 18.89
CL CL B . 0.14 14.74 -32.94
CL CL C . 2.75 5.00 -29.79
C48 PGT D . 10.52 -12.18 21.31
C47 PGT D . 10.32 -13.04 22.53
C46 PGT D . 11.51 -13.89 22.91
C45 PGT D . 11.28 -14.53 24.25
C44 PGT D . 12.02 -15.81 24.49
C43 PGT D . 11.38 -16.52 25.64
C42 PGT D . 12.20 -17.66 26.17
C41 PGT D . 11.40 -18.91 26.10
C40 PGT D . 11.11 -19.47 27.45
C39 PGT D . 10.07 -20.55 27.35
C38 PGT D . 8.73 -20.10 27.87
C37 PGT D . 8.19 -21.11 28.83
C36 PGT D . 6.81 -21.58 28.47
C35 PGT D . 6.64 -23.05 28.77
C34 PGT D . 5.93 -23.71 27.62
C33 PGT D . 5.97 -25.21 27.71
C32 PGT D . 7.39 -25.69 27.74
C31 PGT D . 7.47 -27.17 27.53
O31 PGT D . 7.86 -28.02 28.55
O2 PGT D . 7.17 -27.71 26.30
C2 PGT D . 7.73 -27.25 25.14
C1 PGT D . 8.25 -28.42 24.34
O3P PGT D . 7.30 -29.41 24.13
P PGT D . 7.63 -30.94 23.93
O1P PGT D . 6.31 -31.75 23.69
O2P PGT D . 8.55 -31.21 22.71
O4P PGT D . 8.33 -31.49 25.20
C3 PGT D . 6.65 -26.48 24.45
O3 PGT D . 7.08 -25.84 23.31
C11 PGT D . 7.88 -24.71 23.42
O11 PGT D . 9.21 -24.85 23.11
C12 PGT D . 7.31 -23.39 23.85
C13 PGT D . 7.86 -22.27 23.02
C14 PGT D . 7.73 -20.94 23.70
C15 PGT D . 7.45 -19.87 22.70
C16 PGT D . 8.53 -18.85 22.61
C17 PGT D . 8.63 -18.35 21.20
C18 PGT D . 8.72 -16.85 21.07
C19 PGT D . 8.17 -16.39 19.74
C20 PGT D . 8.78 -15.12 19.24
C21 PGT D . 8.08 -14.65 18.01
C3 D12 E . -3.96 -22.01 19.55
C4 D12 E . -3.80 -20.69 18.88
C5 D12 E . -2.56 -20.67 18.05
C6 D12 E . -2.24 -19.26 17.70
C7 D12 E . -0.78 -19.11 17.43
C8 D12 E . -0.36 -17.69 17.70
C9 D12 E . 0.96 -17.42 17.03
C10 D12 E . 1.32 -15.98 17.14
C3 D12 F . 1.75 -19.27 21.44
C4 D12 F . 3.18 -18.92 21.22
C5 D12 F . 3.58 -19.34 19.84
C6 D12 F . 4.44 -18.30 19.20
C7 D12 F . 4.61 -18.58 17.73
C8 D12 F . 5.94 -19.21 17.46
C9 D12 F . 6.13 -19.37 15.99
C1 D12 G . 16.24 -10.31 28.68
C2 D12 G . 15.65 -11.31 27.73
C3 D12 G . 15.18 -12.52 28.48
C4 D12 G . 13.70 -12.68 28.36
C5 D12 G . 13.22 -13.89 29.10
C6 D12 G . 11.74 -13.85 29.33
C7 D12 G . 11.36 -14.93 30.30
C8 D12 G . 9.88 -15.04 30.44
C9 D12 G . 9.55 -16.19 31.34
C10 D12 G . 8.10 -16.11 31.73
C11 D12 G . 7.60 -17.43 32.23
C12 D12 G . 6.11 -17.43 32.25
C3 D12 H . 4.70 -18.15 27.23
C4 D12 H . 5.51 -17.64 26.10
C5 D12 H . 6.75 -17.01 26.63
C6 D12 H . 7.44 -16.29 25.53
C7 D12 H . 8.03 -15.02 26.06
C8 D12 H . 6.91 -14.06 26.35
C9 D12 H . 7.48 -12.78 26.84
C10 D12 H . 6.37 -11.89 27.34
C3 D12 I . -2.52 -11.35 22.81
C4 D12 I . -1.59 -10.58 21.93
C5 D12 I . -2.11 -9.19 21.74
C6 D12 I . -1.08 -8.35 21.05
C7 D12 I . -1.12 -6.96 21.57
C8 D12 I . 0.04 -6.18 21.02
C3 D12 J . -4.36 -14.68 26.82
C4 D12 J . -3.47 -13.51 27.03
C5 D12 J . -3.85 -12.79 28.29
C6 D12 J . -2.95 -11.61 28.54
C7 D12 J . -3.23 -10.53 27.53
C8 D12 J . -2.35 -9.34 27.79
C9 D12 J . -2.31 -8.46 26.58
C10 D12 J . -1.55 -7.21 26.87
C11 D12 J . -1.35 -6.41 25.62
#